data_6OX6
#
_entry.id   6OX6
#
_cell.length_a   66.631
_cell.length_b   66.631
_cell.length_c   148.307
_cell.angle_alpha   90.000
_cell.angle_beta   90.000
_cell.angle_gamma   90.000
#
_symmetry.space_group_name_H-M   'P 43 21 2'
#
loop_
_entity.id
_entity.type
_entity.pdbx_description
1 polymer Tas1
2 polymer PA14_01140
3 non-polymer 'ACETATE ION'
4 water water
#
loop_
_entity_poly.entity_id
_entity_poly.type
_entity_poly.pdbx_seq_one_letter_code
_entity_poly.pdbx_strand_id
1 'polypeptide(L)'
;(MSE)VAGAVAGALIGAAVVAATAATGGLAAVILAGSIAAGGLS(MSE)FQIVKGLTTIFELPEPTTGVLIRGSFNVYVN
SRNA(MSE)RAGDDVSATCSGLPLNHPLWPFPVLIAEGSATVYINGKPAARLQSK(MSE)VCGAHIKTGSQNTFIGGPTE
RVAFVLDLEEWLHTGLEALGLAALAGGLLLAA(MSE)AGVAALVGVVAIGGL(MSE)(MSE)GG(MSE)ALLGDLGDRLG
PGYRDLFQGVAG(MSE)ALLGFGPK(MSE)ARLGNAPKGAPKTQVPKGFEKVYGKAPAAKAEIDAVADGLAAKHGGRVAK
APIKSRERA(MSE)QKINNDYKGDPTKIKDLARNTIIVEGDKVNTVAAELANRGAKVKVIDGNADPLGYSGVNST(MSE)
NTKAGIPGEIQVNSPE(MSE)IYAKESED(MSE)ARILLGNDTYDAVAAKAGVPGGQGHKYYEDWRVLDPKSPEAQAIAE
KSRAYYDAVRKGNGN
;
A
2 'polypeptide(L)' MAIEKGEAFARRDIYIDYDFEDVTYRWDHRQGTIHVRFYGEAESPEPVEHDNRLFNDALRFGREITREEYETGFPKG B
#
loop_
_chem_comp.id
_chem_comp.type
_chem_comp.name
_chem_comp.formula
ACT non-polymer 'ACETATE ION' 'C2 H3 O2 -1'
#
# COMPACT_ATOMS: atom_id res chain seq x y z
N THR A 243 -12.44 -14.08 -17.65
CA THR A 243 -11.45 -13.12 -17.16
C THR A 243 -10.50 -12.65 -18.26
N GLN A 244 -10.55 -11.35 -18.58
CA GLN A 244 -9.77 -10.81 -19.69
C GLN A 244 -8.28 -10.54 -19.49
N VAL A 245 -7.45 -11.25 -20.26
CA VAL A 245 -6.00 -11.01 -20.25
C VAL A 245 -5.76 -9.55 -20.64
N PRO A 246 -4.92 -8.81 -19.92
CA PRO A 246 -4.68 -7.41 -20.32
C PRO A 246 -3.72 -7.35 -21.49
N LYS A 247 -3.87 -6.30 -22.29
CA LYS A 247 -3.00 -6.11 -23.45
C LYS A 247 -1.56 -5.92 -23.00
N GLY A 248 -0.65 -6.66 -23.61
CA GLY A 248 0.74 -6.59 -23.21
C GLY A 248 1.05 -7.27 -21.90
N PHE A 249 0.11 -8.05 -21.36
CA PHE A 249 0.30 -8.64 -20.03
C PHE A 249 1.52 -9.52 -19.97
N GLU A 250 1.65 -10.46 -20.93
CA GLU A 250 2.73 -11.44 -20.86
CA GLU A 250 2.73 -11.44 -20.87
C GLU A 250 4.09 -10.78 -21.05
N LYS A 251 4.16 -9.74 -21.88
CA LYS A 251 5.42 -9.02 -22.02
C LYS A 251 5.87 -8.45 -20.68
N VAL A 252 4.95 -7.86 -19.91
CA VAL A 252 5.34 -7.35 -18.60
C VAL A 252 5.65 -8.49 -17.64
N TYR A 253 4.78 -9.51 -17.61
CA TYR A 253 4.93 -10.60 -16.63
C TYR A 253 6.28 -11.29 -16.73
N GLY A 254 6.87 -11.37 -17.94
CA GLY A 254 8.12 -12.10 -18.11
C GLY A 254 9.34 -11.41 -17.55
N LYS A 255 9.25 -10.10 -17.27
CA LYS A 255 10.36 -9.45 -16.61
C LYS A 255 10.33 -9.62 -15.10
N ALA A 256 9.28 -10.24 -14.56
CA ALA A 256 9.10 -10.27 -13.11
C ALA A 256 10.18 -11.10 -12.40
N PRO A 257 10.56 -12.29 -12.92
CA PRO A 257 11.71 -13.00 -12.33
C PRO A 257 12.99 -12.17 -12.26
N ALA A 258 13.32 -11.43 -13.33
CA ALA A 258 14.52 -10.60 -13.28
C ALA A 258 14.34 -9.42 -12.32
N ALA A 259 13.14 -8.85 -12.25
CA ALA A 259 12.93 -7.78 -11.28
C ALA A 259 13.03 -8.33 -9.87
N LYS A 260 12.53 -9.54 -9.65
CA LYS A 260 12.62 -10.17 -8.33
C LYS A 260 14.08 -10.31 -7.91
N ALA A 261 14.90 -10.92 -8.76
CA ALA A 261 16.32 -11.07 -8.45
C ALA A 261 16.94 -9.74 -8.12
N GLU A 262 16.60 -8.70 -8.88
CA GLU A 262 17.17 -7.39 -8.64
C GLU A 262 16.74 -6.82 -7.28
N ILE A 263 15.42 -6.80 -7.00
CA ILE A 263 15.03 -6.21 -5.72
C ILE A 263 15.45 -7.10 -4.56
N ASP A 264 15.49 -8.43 -4.77
CA ASP A 264 15.96 -9.32 -3.70
C ASP A 264 17.44 -9.12 -3.41
N ALA A 265 18.25 -8.82 -4.43
CA ALA A 265 19.66 -8.57 -4.17
C ALA A 265 19.86 -7.31 -3.33
N VAL A 266 19.18 -6.20 -3.70
CA VAL A 266 19.34 -4.98 -2.91
C VAL A 266 18.70 -5.14 -1.53
N ALA A 267 17.56 -5.82 -1.44
CA ALA A 267 16.96 -6.05 -0.14
C ALA A 267 17.92 -6.76 0.80
N ASP A 268 18.54 -7.86 0.35
CA ASP A 268 19.36 -8.60 1.31
C ASP A 268 20.66 -7.86 1.63
N GLY A 269 21.19 -7.09 0.67
CA GLY A 269 22.24 -6.15 0.99
C GLY A 269 21.85 -5.28 2.16
N LEU A 270 20.79 -4.48 1.99
CA LEU A 270 20.41 -3.56 3.05
C LEU A 270 19.99 -4.28 4.31
N ALA A 271 19.35 -5.44 4.19
CA ALA A 271 18.93 -6.15 5.41
C ALA A 271 20.14 -6.62 6.19
N ALA A 272 21.08 -7.28 5.53
CA ALA A 272 22.28 -7.76 6.20
C ALA A 272 23.18 -6.61 6.67
N LYS A 273 22.98 -5.39 6.18
CA LYS A 273 23.74 -4.23 6.64
C LYS A 273 23.35 -3.80 8.06
N HIS A 274 22.06 -3.81 8.38
CA HIS A 274 21.57 -3.25 9.64
C HIS A 274 21.05 -4.31 10.60
N GLY A 275 21.41 -5.56 10.37
CA GLY A 275 21.08 -6.61 11.32
C GLY A 275 19.70 -7.17 11.16
N GLY A 276 19.14 -7.17 9.96
CA GLY A 276 17.78 -7.60 9.76
C GLY A 276 17.60 -8.77 8.84
N ARG A 277 16.36 -9.00 8.41
CA ARG A 277 16.06 -10.12 7.53
C ARG A 277 15.21 -9.69 6.36
N VAL A 278 15.23 -10.49 5.30
CA VAL A 278 14.46 -10.18 4.10
C VAL A 278 13.53 -11.38 3.99
N ALA A 279 12.23 -11.10 3.90
CA ALA A 279 11.23 -12.10 3.57
C ALA A 279 10.99 -11.98 2.07
N LYS A 280 11.61 -12.88 1.30
CA LYS A 280 11.40 -12.93 -0.13
C LYS A 280 10.10 -13.67 -0.43
N ALA A 281 9.51 -13.38 -1.56
CA ALA A 281 8.23 -13.96 -1.95
C ALA A 281 8.30 -14.32 -3.43
N PRO A 282 7.48 -15.26 -3.89
CA PRO A 282 7.44 -15.57 -5.32
C PRO A 282 6.73 -14.45 -6.09
N ILE A 283 6.83 -14.55 -7.41
CA ILE A 283 6.17 -13.64 -8.32
C ILE A 283 4.66 -13.71 -8.11
N LYS A 284 3.98 -12.56 -8.21
CA LYS A 284 2.53 -12.57 -8.05
C LYS A 284 1.91 -13.59 -8.99
N SER A 285 0.93 -14.34 -8.49
CA SER A 285 0.31 -15.36 -9.34
C SER A 285 -0.41 -14.70 -10.51
N ARG A 286 -0.50 -15.46 -11.61
CA ARG A 286 -1.02 -14.96 -12.87
C ARG A 286 -2.42 -14.38 -12.73
N GLU A 287 -3.37 -15.18 -12.22
CA GLU A 287 -4.76 -14.74 -12.13
C GLU A 287 -4.89 -13.50 -11.26
N ARG A 288 -4.17 -13.47 -10.15
CA ARG A 288 -4.31 -12.33 -9.26
C ARG A 288 -3.66 -11.10 -9.86
N ALA A 289 -2.52 -11.28 -10.52
CA ALA A 289 -1.86 -10.19 -11.22
C ALA A 289 -2.81 -9.59 -12.25
N MSE A 290 -3.46 -10.44 -13.03
CA MSE A 290 -4.40 -9.96 -14.03
C MSE A 290 -5.60 -9.26 -13.45
O MSE A 290 -6.01 -8.22 -13.97
CB MSE A 290 -4.86 -11.09 -14.97
CG MSE A 290 -3.79 -11.55 -15.95
SE MSE A 290 -4.13 -13.30 -16.70
CE MSE A 290 -5.93 -13.00 -17.32
N GLN A 291 -6.15 -9.81 -12.37
CA GLN A 291 -7.30 -9.23 -11.71
C GLN A 291 -6.94 -7.85 -11.14
N LYS A 292 -5.74 -7.75 -10.58
CA LYS A 292 -5.28 -6.48 -10.01
C LYS A 292 -5.00 -5.44 -11.09
N ILE A 293 -4.40 -5.86 -12.21
CA ILE A 293 -4.21 -4.94 -13.34
C ILE A 293 -5.55 -4.43 -13.85
N ASN A 294 -6.52 -5.35 -14.01
CA ASN A 294 -7.82 -4.95 -14.54
C ASN A 294 -8.60 -4.06 -13.57
N ASN A 295 -8.55 -4.35 -12.26
CA ASN A 295 -9.35 -3.62 -11.28
C ASN A 295 -8.69 -2.35 -10.79
N ASP A 296 -7.46 -2.44 -10.27
CA ASP A 296 -6.79 -1.24 -9.79
C ASP A 296 -6.35 -0.34 -10.94
N TYR A 297 -5.86 -0.94 -12.03
CA TYR A 297 -5.15 -0.17 -13.03
C TYR A 297 -5.88 -0.12 -14.37
N LYS A 298 -7.14 -0.52 -14.40
CA LYS A 298 -8.01 -0.42 -15.58
C LYS A 298 -7.39 -1.06 -16.81
N GLY A 299 -6.69 -2.18 -16.61
CA GLY A 299 -6.19 -3.00 -17.69
C GLY A 299 -4.81 -2.66 -18.22
N ASP A 300 -4.14 -1.65 -17.65
CA ASP A 300 -2.79 -1.34 -18.07
C ASP A 300 -1.82 -2.14 -17.23
N PRO A 301 -1.10 -3.12 -17.81
CA PRO A 301 -0.16 -3.93 -17.03
C PRO A 301 1.13 -3.18 -16.70
N THR A 302 1.41 -2.07 -17.36
CA THR A 302 2.65 -1.41 -16.99
C THR A 302 2.51 -0.61 -15.70
N LYS A 303 1.29 -0.52 -15.14
CA LYS A 303 1.04 0.24 -13.91
C LYS A 303 1.18 -0.60 -12.65
N ILE A 304 1.23 -1.93 -12.75
CA ILE A 304 1.28 -2.75 -11.54
C ILE A 304 2.70 -2.77 -11.01
N LYS A 305 2.84 -2.65 -9.68
CA LYS A 305 4.14 -2.41 -9.09
C LYS A 305 4.61 -3.51 -8.13
N ASP A 306 3.80 -4.53 -7.88
CA ASP A 306 4.15 -5.54 -6.90
C ASP A 306 4.17 -6.94 -7.51
N LEU A 307 4.41 -7.05 -8.82
CA LEU A 307 4.66 -8.36 -9.40
C LEU A 307 5.82 -9.04 -8.67
N ALA A 308 6.90 -8.31 -8.47
CA ALA A 308 8.01 -8.73 -7.63
C ALA A 308 7.95 -7.91 -6.35
N ARG A 309 8.15 -8.57 -5.21
CA ARG A 309 8.05 -7.84 -3.96
C ARG A 309 8.81 -8.56 -2.87
N ASN A 310 9.25 -7.81 -1.86
CA ASN A 310 9.74 -8.45 -0.65
C ASN A 310 9.57 -7.48 0.52
N THR A 311 9.96 -7.94 1.69
CA THR A 311 9.84 -7.18 2.92
C THR A 311 11.19 -7.21 3.63
N ILE A 312 11.63 -6.05 4.10
CA ILE A 312 12.81 -5.96 4.94
C ILE A 312 12.36 -5.74 6.39
N ILE A 313 12.78 -6.64 7.26
CA ILE A 313 12.43 -6.56 8.68
C ILE A 313 13.68 -6.16 9.43
N VAL A 314 13.64 -4.99 10.07
CA VAL A 314 14.76 -4.52 10.88
C VAL A 314 14.18 -3.94 12.16
N GLU A 315 15.05 -3.72 13.13
CA GLU A 315 14.59 -3.14 14.39
C GLU A 315 14.06 -1.73 14.16
N GLY A 316 13.27 -1.25 15.12
CA GLY A 316 12.44 -0.08 14.89
C GLY A 316 13.23 1.15 14.46
N ASP A 317 14.31 1.44 15.17
CA ASP A 317 15.04 2.66 14.88
C ASP A 317 15.90 2.56 13.62
N LYS A 318 16.01 1.38 13.01
CA LYS A 318 16.70 1.24 11.73
C LYS A 318 15.77 1.40 10.54
N VAL A 319 14.46 1.31 10.74
CA VAL A 319 13.50 1.39 9.63
C VAL A 319 13.77 2.63 8.79
N ASN A 320 13.94 3.75 9.47
CA ASN A 320 14.20 5.03 8.83
C ASN A 320 15.49 5.01 8.05
N THR A 321 16.53 4.41 8.62
CA THR A 321 17.81 4.35 7.92
C THR A 321 17.66 3.59 6.61
N VAL A 322 16.98 2.43 6.66
CA VAL A 322 16.71 1.65 5.45
C VAL A 322 15.88 2.43 4.44
N ALA A 323 14.87 3.18 4.92
CA ALA A 323 14.07 4.02 4.03
C ALA A 323 14.96 4.97 3.22
N ALA A 324 15.86 5.67 3.90
CA ALA A 324 16.77 6.60 3.22
C ALA A 324 17.65 5.87 2.20
N GLU A 325 17.99 4.63 2.51
CA GLU A 325 18.81 3.82 1.63
C GLU A 325 18.11 3.53 0.31
N LEU A 326 16.84 3.16 0.39
CA LEU A 326 16.08 2.86 -0.83
C LEU A 326 15.87 4.13 -1.65
N ALA A 327 15.67 5.26 -0.96
CA ALA A 327 15.52 6.54 -1.63
C ALA A 327 16.79 6.85 -2.41
N ASN A 328 17.96 6.66 -1.79
CA ASN A 328 19.21 6.95 -2.46
C ASN A 328 19.43 6.09 -3.69
N ARG A 329 18.72 4.96 -3.81
CA ARG A 329 18.80 4.13 -5.00
CA ARG A 329 18.81 4.14 -5.01
C ARG A 329 17.70 4.45 -5.99
N GLY A 330 17.03 5.58 -5.82
CA GLY A 330 16.04 6.04 -6.75
C GLY A 330 14.65 5.50 -6.53
N ALA A 331 14.44 4.66 -5.53
CA ALA A 331 13.09 4.19 -5.23
C ALA A 331 12.16 5.36 -4.97
N LYS A 332 10.87 5.11 -5.24
CA LYS A 332 9.79 6.01 -4.89
C LYS A 332 9.51 5.49 -3.47
N VAL A 333 9.44 6.37 -2.48
CA VAL A 333 9.33 5.88 -1.10
C VAL A 333 8.14 6.54 -0.41
N LYS A 334 7.29 5.72 0.22
CA LYS A 334 6.20 6.20 1.06
C LYS A 334 6.52 5.89 2.52
N VAL A 335 6.65 6.93 3.34
CA VAL A 335 6.88 6.77 4.76
C VAL A 335 5.54 7.03 5.46
N ILE A 336 5.01 6.00 6.10
CA ILE A 336 3.70 6.08 6.73
C ILE A 336 3.91 6.31 8.22
N ASP A 337 3.37 7.39 8.75
CA ASP A 337 3.33 7.47 10.20
C ASP A 337 1.89 7.33 10.68
N GLY A 338 1.78 6.88 11.93
CA GLY A 338 0.48 6.60 12.50
C GLY A 338 -0.40 7.82 12.71
N ASN A 339 0.13 9.04 12.55
CA ASN A 339 -0.66 10.24 12.82
C ASN A 339 -1.43 10.75 11.62
N ALA A 340 -1.15 10.23 10.41
CA ALA A 340 -1.86 10.63 9.20
C ALA A 340 -2.78 9.54 8.67
N ASP A 341 -2.29 8.32 8.56
CA ASP A 341 -3.10 7.18 8.16
C ASP A 341 -4.35 7.06 9.05
N PRO A 342 -5.56 7.04 8.47
CA PRO A 342 -6.76 6.91 9.32
C PRO A 342 -6.74 5.67 10.19
N LEU A 343 -6.03 4.63 9.77
CA LEU A 343 -5.93 3.40 10.53
C LEU A 343 -4.71 3.35 11.44
N GLY A 344 -3.87 4.39 11.47
CA GLY A 344 -2.79 4.45 12.45
C GLY A 344 -1.64 3.50 12.22
N TYR A 345 -1.54 2.91 11.04
CA TYR A 345 -0.43 2.03 10.74
C TYR A 345 0.86 2.84 10.55
N SER A 346 2.00 2.19 10.76
CA SER A 346 3.29 2.81 10.43
C SER A 346 4.20 1.80 9.77
N GLY A 347 5.09 2.28 8.91
CA GLY A 347 5.92 1.41 8.10
C GLY A 347 6.41 2.16 6.87
N VAL A 348 7.15 1.44 6.04
CA VAL A 348 7.72 2.01 4.83
C VAL A 348 7.32 1.16 3.66
N ASN A 349 6.96 1.80 2.56
CA ASN A 349 6.76 1.13 1.29
C ASN A 349 7.54 1.87 0.22
N SER A 350 8.11 1.12 -0.71
CA SER A 350 8.89 1.75 -1.75
C SER A 350 8.68 0.98 -3.04
N THR A 351 8.86 1.69 -4.14
CA THR A 351 8.74 1.12 -5.47
C THR A 351 10.05 1.35 -6.17
N MSE A 352 10.61 0.31 -6.77
CA MSE A 352 11.86 0.45 -7.48
C MSE A 352 11.72 0.09 -8.92
O MSE A 352 11.18 -0.99 -9.24
CB MSE A 352 12.88 -0.52 -6.92
CG MSE A 352 13.46 -0.04 -5.60
SE MSE A 352 15.42 0.04 -5.74
CE MSE A 352 15.48 1.03 -7.43
N ASN A 353 12.15 0.97 -9.82
CA ASN A 353 12.12 0.65 -11.24
C ASN A 353 13.40 -0.14 -11.56
N THR A 354 13.26 -1.44 -11.80
CA THR A 354 14.42 -2.29 -11.95
C THR A 354 14.91 -2.30 -13.39
N LYS A 355 16.17 -2.74 -13.55
CA LYS A 355 16.80 -2.84 -14.86
C LYS A 355 15.99 -3.67 -15.84
N ALA A 356 15.16 -4.59 -15.35
CA ALA A 356 14.35 -5.40 -16.25
C ALA A 356 13.16 -4.64 -16.85
N GLY A 357 12.93 -3.40 -16.42
CA GLY A 357 11.90 -2.57 -17.01
C GLY A 357 10.55 -2.64 -16.35
N ILE A 358 10.46 -3.19 -15.15
CA ILE A 358 9.20 -3.18 -14.39
C ILE A 358 9.52 -2.80 -12.95
N PRO A 359 8.53 -2.33 -12.22
CA PRO A 359 8.75 -1.94 -10.82
C PRO A 359 8.83 -3.13 -9.88
N GLY A 360 9.66 -2.98 -8.86
CA GLY A 360 9.68 -3.91 -7.74
C GLY A 360 9.23 -3.16 -6.49
N GLU A 361 8.60 -3.90 -5.60
CA GLU A 361 8.11 -3.37 -4.31
C GLU A 361 8.99 -3.86 -3.17
N ILE A 362 9.50 -2.94 -2.36
CA ILE A 362 10.23 -3.33 -1.15
C ILE A 362 9.60 -2.62 0.05
N GLN A 363 9.04 -3.40 0.97
CA GLN A 363 8.46 -2.85 2.19
C GLN A 363 9.44 -3.02 3.34
N VAL A 364 9.34 -2.13 4.32
CA VAL A 364 10.20 -2.16 5.49
C VAL A 364 9.36 -1.90 6.71
N ASN A 365 9.62 -2.66 7.77
CA ASN A 365 8.92 -2.44 9.03
C ASN A 365 9.67 -3.16 10.14
N SER A 366 9.26 -2.88 11.37
CA SER A 366 9.82 -3.52 12.54
C SER A 366 9.08 -4.83 12.85
N PRO A 367 9.69 -5.70 13.66
CA PRO A 367 8.96 -6.90 14.09
C PRO A 367 7.70 -6.58 14.87
N GLU A 368 7.71 -5.51 15.67
CA GLU A 368 6.54 -5.19 16.48
C GLU A 368 5.35 -4.84 15.60
N MSE A 369 5.59 -4.05 14.56
CA MSE A 369 4.53 -3.64 13.66
C MSE A 369 3.97 -4.78 12.88
O MSE A 369 2.74 -4.83 12.67
CB MSE A 369 5.09 -2.60 12.68
CG MSE A 369 5.21 -1.23 13.35
SE MSE A 369 3.53 -0.79 14.27
CE MSE A 369 2.32 -0.94 12.72
N ILE A 370 4.82 -5.71 12.45
CA ILE A 370 4.38 -6.87 11.68
C ILE A 370 3.59 -7.83 12.55
N TYR A 371 4.08 -8.08 13.76
CA TYR A 371 3.30 -8.82 14.75
C TYR A 371 1.91 -8.24 14.89
N ALA A 372 1.83 -6.92 14.99
CA ALA A 372 0.56 -6.27 15.23
C ALA A 372 -0.37 -6.41 14.04
N LYS A 373 0.16 -6.25 12.83
CA LYS A 373 -0.70 -6.16 11.67
C LYS A 373 -1.10 -7.54 11.13
N GLU A 374 -0.16 -8.47 11.00
CA GLU A 374 -0.40 -9.72 10.28
C GLU A 374 -0.89 -10.83 11.21
N SER A 375 -1.64 -11.76 10.62
CA SER A 375 -2.00 -12.97 11.35
C SER A 375 -0.73 -13.67 11.85
N GLU A 376 -0.91 -14.52 12.86
CA GLU A 376 0.23 -15.24 13.40
C GLU A 376 0.99 -16.02 12.32
N ASP A 377 0.26 -16.78 11.50
CA ASP A 377 0.89 -17.56 10.44
C ASP A 377 1.76 -16.67 9.60
N MSE A 378 1.24 -15.50 9.26
CA MSE A 378 1.95 -14.56 8.41
C MSE A 378 3.16 -13.96 9.09
O MSE A 378 4.23 -13.86 8.46
CB MSE A 378 1.01 -13.44 8.01
CG MSE A 378 0.44 -13.68 6.61
SE MSE A 378 1.91 -14.07 5.36
CE MSE A 378 3.13 -12.63 5.92
N ALA A 379 3.01 -13.58 10.35
CA ALA A 379 4.08 -12.96 11.09
C ALA A 379 5.18 -13.99 11.33
N ARG A 380 4.80 -15.25 11.51
CA ARG A 380 5.83 -16.27 11.72
C ARG A 380 6.70 -16.42 10.49
N ILE A 381 6.09 -16.36 9.30
CA ILE A 381 6.88 -16.44 8.08
C ILE A 381 7.76 -15.20 7.93
N LEU A 382 7.19 -14.02 8.12
CA LEU A 382 7.97 -12.78 7.92
C LEU A 382 9.11 -12.67 8.92
N LEU A 383 8.84 -12.95 10.20
CA LEU A 383 9.81 -12.74 11.26
C LEU A 383 10.68 -13.95 11.53
N GLY A 384 10.25 -15.13 11.09
CA GLY A 384 10.81 -16.34 11.61
C GLY A 384 10.18 -16.71 12.95
N ASN A 385 10.27 -18.00 13.27
CA ASN A 385 9.61 -18.51 14.46
C ASN A 385 10.18 -17.89 15.73
N ASP A 386 11.51 -17.71 15.79
CA ASP A 386 12.12 -17.23 17.03
C ASP A 386 11.86 -15.74 17.26
N THR A 387 12.02 -14.91 16.23
CA THR A 387 11.64 -13.51 16.42
C THR A 387 10.17 -13.41 16.79
N TYR A 388 9.29 -14.17 16.11
CA TYR A 388 7.87 -14.12 16.44
C TYR A 388 7.67 -14.37 17.92
N ASP A 389 8.26 -15.46 18.43
CA ASP A 389 8.02 -15.82 19.81
C ASP A 389 8.57 -14.78 20.77
N ALA A 390 9.75 -14.22 20.46
CA ALA A 390 10.29 -13.14 21.28
C ALA A 390 9.36 -11.93 21.29
N VAL A 391 8.85 -11.53 20.13
CA VAL A 391 8.00 -10.36 20.07
C VAL A 391 6.69 -10.59 20.81
N ALA A 392 6.10 -11.78 20.64
CA ALA A 392 4.81 -12.07 21.27
C ALA A 392 4.91 -12.08 22.79
N ALA A 393 6.05 -12.53 23.34
CA ALA A 393 6.15 -12.59 24.80
C ALA A 393 6.27 -11.20 25.40
N LYS A 394 6.93 -10.29 24.68
CA LYS A 394 7.11 -8.93 25.16
C LYS A 394 6.07 -7.96 24.62
N ALA A 395 5.06 -8.47 23.92
CA ALA A 395 4.02 -7.59 23.38
C ALA A 395 2.98 -7.29 24.43
N GLY A 396 2.48 -6.05 24.41
CA GLY A 396 1.47 -5.64 25.37
C GLY A 396 0.08 -5.73 24.84
N VAL A 397 -0.07 -6.22 23.61
CA VAL A 397 -1.37 -6.35 22.97
C VAL A 397 -1.40 -7.65 22.21
N PRO A 398 -2.56 -8.29 22.10
CA PRO A 398 -2.66 -9.47 21.26
C PRO A 398 -2.22 -9.13 19.85
N GLY A 399 -1.51 -10.03 19.22
CA GLY A 399 -1.04 -9.79 17.88
C GLY A 399 -2.13 -9.99 16.85
N GLY A 400 -1.87 -9.48 15.65
CA GLY A 400 -2.61 -9.91 14.48
C GLY A 400 -3.94 -9.26 14.24
N GLN A 401 -4.28 -8.19 14.95
CA GLN A 401 -5.57 -7.54 14.77
C GLN A 401 -5.56 -6.50 13.65
N GLY A 402 -4.39 -5.98 13.29
CA GLY A 402 -4.32 -4.85 12.37
C GLY A 402 -4.99 -5.12 11.03
N HIS A 403 -4.63 -6.22 10.38
CA HIS A 403 -5.22 -6.55 9.08
C HIS A 403 -6.71 -6.78 9.17
N LYS A 404 -7.21 -7.13 10.34
CA LYS A 404 -8.64 -7.33 10.55
C LYS A 404 -9.37 -6.00 10.39
N TYR A 405 -8.91 -4.97 11.10
CA TYR A 405 -9.51 -3.64 11.03
C TYR A 405 -9.44 -3.10 9.60
N TYR A 406 -8.33 -3.35 8.91
CA TYR A 406 -8.22 -2.87 7.54
C TYR A 406 -9.31 -3.49 6.67
N GLU A 407 -9.54 -4.80 6.83
CA GLU A 407 -10.54 -5.50 6.02
C GLU A 407 -11.94 -4.96 6.29
N ASP A 408 -12.28 -4.74 7.56
CA ASP A 408 -13.59 -4.16 7.89
C ASP A 408 -13.74 -2.73 7.38
N TRP A 409 -12.66 -1.95 7.40
CA TRP A 409 -12.73 -0.56 6.98
C TRP A 409 -12.80 -0.45 5.47
N ARG A 410 -12.02 -1.30 4.77
CA ARG A 410 -11.87 -1.21 3.33
C ARG A 410 -13.19 -1.46 2.61
N VAL A 411 -13.99 -2.43 3.08
CA VAL A 411 -15.24 -2.71 2.36
C VAL A 411 -16.31 -1.66 2.56
N LEU A 412 -16.11 -0.67 3.42
CA LEU A 412 -17.17 0.31 3.68
C LEU A 412 -17.28 1.30 2.55
N ASP A 413 -18.52 1.71 2.25
CA ASP A 413 -18.79 2.78 1.31
C ASP A 413 -18.14 4.07 1.84
N PRO A 414 -17.76 5.01 0.95
CA PRO A 414 -17.01 6.19 1.42
C PRO A 414 -17.81 7.09 2.37
N LYS A 415 -19.15 7.03 2.34
CA LYS A 415 -19.96 7.78 3.28
C LYS A 415 -20.50 6.92 4.41
N SER A 416 -19.86 5.77 4.71
CA SER A 416 -20.42 4.86 5.70
C SER A 416 -20.46 5.50 7.11
N PRO A 417 -21.56 5.33 7.85
CA PRO A 417 -21.57 5.71 9.27
C PRO A 417 -20.63 4.89 10.16
N GLU A 418 -20.21 3.73 9.67
CA GLU A 418 -19.35 2.81 10.42
C GLU A 418 -17.83 3.08 10.34
N ALA A 419 -17.36 3.68 9.26
CA ALA A 419 -15.92 3.93 9.16
C ALA A 419 -15.18 4.57 10.33
N GLN A 420 -15.71 5.66 10.86
CA GLN A 420 -14.99 6.41 11.87
CA GLN A 420 -14.99 6.41 11.87
C GLN A 420 -14.70 5.57 13.12
N ALA A 421 -15.67 4.75 13.54
CA ALA A 421 -15.44 3.93 14.74
C ALA A 421 -14.39 2.85 14.50
N ILE A 422 -14.35 2.27 13.31
CA ILE A 422 -13.37 1.22 13.03
C ILE A 422 -11.98 1.82 12.95
N ALA A 423 -11.85 2.95 12.29
CA ALA A 423 -10.55 3.60 12.19
C ALA A 423 -10.02 3.98 13.57
N GLU A 424 -10.91 4.41 14.47
CA GLU A 424 -10.46 4.77 15.81
CA GLU A 424 -10.50 4.76 15.82
C GLU A 424 -9.93 3.56 16.56
N LYS A 425 -10.59 2.41 16.38
CA LYS A 425 -10.17 1.18 17.04
C LYS A 425 -8.81 0.71 16.52
N SER A 426 -8.54 0.97 15.25
CA SER A 426 -7.28 0.57 14.63
C SER A 426 -6.14 1.45 15.11
N ARG A 427 -6.38 2.76 15.20
CA ARG A 427 -5.35 3.68 15.67
C ARG A 427 -5.02 3.40 17.13
N ALA A 428 -6.05 3.17 17.95
CA ALA A 428 -5.79 2.86 19.34
C ALA A 428 -4.99 1.57 19.48
N TYR A 429 -5.25 0.59 18.59
CA TYR A 429 -4.53 -0.68 18.67
C TYR A 429 -3.06 -0.47 18.34
N TYR A 430 -2.77 0.11 17.18
CA TYR A 430 -1.39 0.31 16.78
C TYR A 430 -0.66 1.24 17.73
N ASP A 431 -1.36 2.21 18.32
CA ASP A 431 -0.73 3.10 19.31
C ASP A 431 -0.31 2.33 20.56
N ALA A 432 -1.15 1.39 21.02
CA ALA A 432 -0.74 0.61 22.18
C ALA A 432 0.51 -0.20 21.86
N VAL A 433 0.61 -0.74 20.64
CA VAL A 433 1.81 -1.49 20.27
C VAL A 433 3.05 -0.61 20.38
N ARG A 434 2.97 0.63 19.87
CA ARG A 434 4.14 1.51 19.78
C ARG A 434 4.56 2.12 21.11
N LYS A 435 3.64 2.16 22.07
CA LYS A 435 3.94 2.72 23.39
C LYS A 435 4.98 1.85 24.08
N GLY A 436 4.97 0.55 23.78
CA GLY A 436 5.91 -0.39 24.36
C GLY A 436 6.88 -0.97 23.33
N ALA B 2 -4.39 12.14 4.05
CA ALA B 2 -5.54 11.23 4.11
C ALA B 2 -6.92 11.91 3.91
N ILE B 3 -7.87 11.13 3.39
CA ILE B 3 -9.26 11.55 3.22
C ILE B 3 -10.11 10.45 3.88
N GLU B 4 -10.56 10.70 5.12
CA GLU B 4 -11.26 9.69 5.90
C GLU B 4 -12.65 9.43 5.33
N LYS B 5 -13.11 8.18 5.45
CA LYS B 5 -14.49 7.88 5.05
C LYS B 5 -15.48 8.51 6.02
N GLY B 6 -16.68 8.81 5.52
CA GLY B 6 -17.72 9.42 6.32
C GLY B 6 -18.14 10.83 5.92
N GLU B 7 -18.00 11.77 6.85
CA GLU B 7 -18.73 13.04 6.79
C GLU B 7 -18.54 13.77 5.46
N ALA B 8 -17.30 13.89 5.00
CA ALA B 8 -16.98 14.70 3.83
C ALA B 8 -17.60 14.13 2.55
N PHE B 9 -17.52 12.80 2.36
CA PHE B 9 -18.06 12.18 1.17
C PHE B 9 -19.57 12.33 1.08
N ALA B 10 -20.24 12.48 2.20
CA ALA B 10 -21.66 12.72 2.13
C ALA B 10 -21.98 14.20 1.97
N ARG B 11 -21.05 15.05 2.43
CA ARG B 11 -21.14 16.50 2.31
C ARG B 11 -21.00 17.11 0.90
N ARG B 12 -20.07 16.57 0.10
CA ARG B 12 -19.78 17.12 -1.23
C ARG B 12 -18.85 16.28 -2.07
N ASP B 13 -18.70 16.69 -3.33
CA ASP B 13 -17.72 16.10 -4.21
C ASP B 13 -16.32 16.19 -3.58
N ILE B 14 -15.52 15.15 -3.81
CA ILE B 14 -14.20 15.01 -3.23
C ILE B 14 -13.23 14.63 -4.34
N TYR B 15 -12.11 15.33 -4.43
CA TYR B 15 -11.07 15.07 -5.42
C TYR B 15 -9.77 14.77 -4.68
N ILE B 16 -9.08 13.72 -5.12
CA ILE B 16 -8.02 13.06 -4.38
C ILE B 16 -6.80 12.91 -5.28
N ASP B 17 -5.62 13.26 -4.77
CA ASP B 17 -4.35 12.99 -5.41
C ASP B 17 -3.55 11.99 -4.56
N TYR B 18 -3.06 10.93 -5.17
CA TYR B 18 -2.25 9.94 -4.47
C TYR B 18 -0.95 9.84 -5.25
N ASP B 19 0.07 10.63 -4.85
CA ASP B 19 1.26 10.71 -5.70
CA ASP B 19 1.30 10.74 -5.63
C ASP B 19 2.06 9.42 -5.70
N PHE B 20 2.03 8.63 -4.61
CA PHE B 20 2.81 7.39 -4.61
C PHE B 20 2.52 6.52 -5.84
N GLU B 21 1.26 6.43 -6.26
CA GLU B 21 0.92 5.65 -7.45
C GLU B 21 0.45 6.50 -8.60
N ASP B 22 0.79 7.78 -8.64
CA ASP B 22 0.48 8.62 -9.82
C ASP B 22 -0.98 8.52 -10.24
N VAL B 23 -1.89 8.60 -9.27
CA VAL B 23 -3.31 8.39 -9.55
C VAL B 23 -4.13 9.45 -8.84
N THR B 24 -5.26 9.84 -9.47
CA THR B 24 -6.26 10.72 -8.88
C THR B 24 -7.65 10.09 -8.99
N TYR B 25 -8.54 10.53 -8.11
CA TYR B 25 -9.91 10.04 -8.06
C TYR B 25 -10.86 11.22 -7.95
N ARG B 26 -12.06 11.01 -8.50
CA ARG B 26 -13.16 11.95 -8.39
C ARG B 26 -14.34 11.21 -7.75
N TRP B 27 -14.85 11.76 -6.66
CA TRP B 27 -16.06 11.28 -6.01
C TRP B 27 -17.21 12.24 -6.30
N ASP B 28 -18.32 11.70 -6.73
CA ASP B 28 -19.55 12.45 -6.99
C ASP B 28 -20.52 12.05 -5.89
N HIS B 29 -20.81 12.95 -4.95
CA HIS B 29 -21.59 12.52 -3.80
C HIS B 29 -23.06 12.27 -4.19
N ARG B 30 -23.62 13.06 -5.11
CA ARG B 30 -24.98 12.82 -5.57
C ARG B 30 -25.14 11.44 -6.20
N GLN B 31 -24.29 11.12 -7.17
CA GLN B 31 -24.43 9.81 -7.81
C GLN B 31 -23.84 8.68 -6.99
N GLY B 32 -22.98 9.00 -6.02
CA GLY B 32 -22.31 7.97 -5.24
C GLY B 32 -21.23 7.21 -5.98
N THR B 33 -20.54 7.88 -6.91
CA THR B 33 -19.64 7.18 -7.83
C THR B 33 -18.20 7.66 -7.67
N ILE B 34 -17.29 6.72 -7.90
CA ILE B 34 -15.87 6.99 -7.90
C ILE B 34 -15.38 6.81 -9.32
N HIS B 35 -14.65 7.79 -9.82
CA HIS B 35 -13.92 7.65 -11.08
C HIS B 35 -12.44 7.85 -10.83
N VAL B 36 -11.60 7.27 -11.69
CA VAL B 36 -10.16 7.30 -11.52
C VAL B 36 -9.56 8.01 -12.72
N ARG B 37 -8.48 8.79 -12.48
CA ARG B 37 -7.73 9.45 -13.54
C ARG B 37 -6.25 9.33 -13.23
N PHE B 38 -5.52 8.55 -14.03
CA PHE B 38 -4.09 8.35 -13.81
C PHE B 38 -3.31 9.51 -14.38
N TYR B 39 -2.14 9.77 -13.80
CA TYR B 39 -1.31 10.89 -14.27
C TYR B 39 -1.09 10.76 -15.75
N GLY B 40 -1.25 11.87 -16.47
CA GLY B 40 -1.01 11.89 -17.90
C GLY B 40 -2.10 11.30 -18.77
N GLU B 41 -3.27 11.01 -18.22
CA GLU B 41 -4.34 10.38 -18.98
C GLU B 41 -5.64 11.12 -18.77
N ALA B 42 -6.60 10.85 -19.65
CA ALA B 42 -7.98 11.22 -19.38
C ALA B 42 -8.58 10.31 -18.30
N GLU B 43 -9.66 10.80 -17.69
CA GLU B 43 -10.39 9.99 -16.72
C GLU B 43 -10.90 8.70 -17.36
N SER B 44 -10.77 7.59 -16.63
CA SER B 44 -11.27 6.33 -17.13
C SER B 44 -12.81 6.37 -17.12
N PRO B 45 -13.47 5.88 -18.17
CA PRO B 45 -14.93 5.86 -18.11
C PRO B 45 -15.49 4.86 -17.09
N GLU B 46 -14.82 3.74 -16.83
CA GLU B 46 -15.42 2.74 -15.94
C GLU B 46 -15.37 3.19 -14.48
N PRO B 47 -16.52 3.32 -13.79
CA PRO B 47 -16.50 3.63 -12.35
C PRO B 47 -15.63 2.65 -11.58
N VAL B 48 -15.24 3.04 -10.37
CA VAL B 48 -14.39 2.24 -9.49
C VAL B 48 -15.25 1.75 -8.34
N GLU B 49 -15.07 0.48 -7.97
CA GLU B 49 -15.76 -0.12 -6.84
C GLU B 49 -15.27 0.43 -5.49
N HIS B 50 -16.22 0.64 -4.57
CA HIS B 50 -15.83 1.39 -3.38
CA HIS B 50 -15.91 1.36 -3.34
C HIS B 50 -14.90 0.59 -2.48
N ASP B 51 -14.85 -0.74 -2.62
CA ASP B 51 -13.87 -1.53 -1.87
C ASP B 51 -12.58 -1.77 -2.66
N ASN B 52 -12.33 -0.99 -3.72
CA ASN B 52 -11.15 -1.20 -4.55
C ASN B 52 -9.87 -0.92 -3.76
N ARG B 53 -8.87 -1.78 -3.95
CA ARG B 53 -7.63 -1.69 -3.18
C ARG B 53 -6.95 -0.34 -3.35
N LEU B 54 -6.71 0.07 -4.58
CA LEU B 54 -5.91 1.27 -4.81
C LEU B 54 -6.67 2.52 -4.37
N PHE B 55 -7.99 2.51 -4.55
CA PHE B 55 -8.81 3.61 -4.04
C PHE B 55 -8.68 3.76 -2.52
N ASN B 56 -8.83 2.65 -1.79
CA ASN B 56 -8.69 2.73 -0.34
C ASN B 56 -7.26 3.10 0.07
N ASP B 57 -6.26 2.72 -0.74
CA ASP B 57 -4.91 3.24 -0.46
C ASP B 57 -4.87 4.76 -0.63
N ALA B 58 -5.55 5.26 -1.66
CA ALA B 58 -5.59 6.69 -1.91
C ALA B 58 -6.25 7.42 -0.76
N LEU B 59 -7.29 6.82 -0.16
CA LEU B 59 -7.91 7.46 1.00
C LEU B 59 -6.95 7.51 2.17
N ARG B 60 -6.16 6.44 2.36
CA ARG B 60 -5.35 6.42 3.57
C ARG B 60 -4.15 7.31 3.43
N PHE B 61 -3.56 7.37 2.23
CA PHE B 61 -2.24 7.95 2.09
C PHE B 61 -2.19 9.14 1.12
N GLY B 62 -3.29 9.42 0.40
CA GLY B 62 -3.31 10.51 -0.54
C GLY B 62 -3.75 11.82 0.12
N ARG B 63 -3.98 12.81 -0.71
CA ARG B 63 -4.34 14.14 -0.22
CA ARG B 63 -4.33 14.14 -0.23
C ARG B 63 -5.48 14.68 -1.06
N GLU B 64 -6.28 15.54 -0.43
CA GLU B 64 -7.40 16.12 -1.13
C GLU B 64 -6.90 17.24 -2.05
N ILE B 65 -7.48 17.33 -3.25
CA ILE B 65 -7.21 18.41 -4.19
C ILE B 65 -8.55 19.02 -4.61
N THR B 66 -8.47 20.05 -5.45
CA THR B 66 -9.67 20.75 -5.91
C THR B 66 -10.14 20.18 -7.24
N ARG B 67 -11.36 20.56 -7.60
CA ARG B 67 -11.97 20.15 -8.85
C ARG B 67 -11.13 20.66 -10.02
N GLU B 68 -10.63 21.89 -9.92
CA GLU B 68 -9.81 22.43 -11.00
C GLU B 68 -8.51 21.65 -11.13
N GLU B 69 -7.83 21.37 -10.01
CA GLU B 69 -6.60 20.59 -10.08
C GLU B 69 -6.84 19.23 -10.71
N TYR B 70 -7.90 18.54 -10.27
CA TYR B 70 -8.24 17.25 -10.85
C TYR B 70 -8.49 17.37 -12.35
N GLU B 71 -9.30 18.36 -12.75
CA GLU B 71 -9.65 18.46 -14.16
C GLU B 71 -8.47 18.88 -15.01
N THR B 72 -7.57 19.69 -14.45
CA THR B 72 -6.36 20.03 -15.20
C THR B 72 -5.49 18.81 -15.40
N GLY B 73 -5.32 18.00 -14.36
CA GLY B 73 -4.55 16.78 -14.45
C GLY B 73 -3.07 17.00 -14.16
N PHE B 74 -2.38 15.87 -14.01
CA PHE B 74 -1.01 15.84 -13.59
C PHE B 74 -0.17 15.24 -14.70
N PRO B 75 0.99 15.82 -15.01
CA PRO B 75 1.84 15.24 -16.06
C PRO B 75 2.22 13.82 -15.71
N LYS B 76 2.34 12.98 -16.73
CA LYS B 76 2.72 11.59 -16.54
C LYS B 76 4.08 11.53 -15.85
N GLY B 77 4.18 10.68 -14.83
CA GLY B 77 5.42 10.54 -14.08
C GLY B 77 6.40 9.59 -14.73
C ACT C . -0.06 -9.50 -25.03
O ACT C . -0.62 -9.13 -26.10
OXT ACT C . 1.16 -9.37 -24.67
CH3 ACT C . -0.98 -10.24 -23.99
C ACT D . -0.26 -12.14 -3.84
O ACT D . -1.21 -11.48 -4.33
OXT ACT D . 0.51 -11.81 -2.90
CH3 ACT D . 0.00 -13.57 -4.49
C ACT E . 1.09 -0.48 2.77
O ACT E . 1.23 0.12 1.65
OXT ACT E . 1.82 -1.37 3.31
CH3 ACT E . -0.15 -0.06 3.60
C ACT F . 6.37 6.34 14.62
O ACT F . 5.42 6.47 13.78
OXT ACT F . 6.43 6.77 15.83
CH3 ACT F . 7.64 5.56 14.12
C ACT G . 7.71 -25.49 10.05
O ACT G . 8.72 -25.08 9.41
OXT ACT G . 6.89 -26.44 9.73
CH3 ACT G . 7.46 -24.73 11.42
C ACT H . 17.47 -15.11 8.35
O ACT H . 17.39 -14.75 9.56
OXT ACT H . 16.60 -15.70 7.62
CH3 ACT H . 18.84 -14.76 7.67
C ACT I . 3.72 -5.41 5.95
O ACT I . 2.73 -4.98 5.30
OXT ACT I . 3.91 -6.54 6.49
CH3 ACT I . 4.90 -4.36 6.13
#